data_2WG2
#
_entry.id   2WG2
#
_cell.length_a   111.410
_cell.length_b   111.410
_cell.length_c   137.380
_cell.angle_alpha   90.00
_cell.angle_beta   90.00
_cell.angle_gamma   120.00
#
_symmetry.space_group_name_H-M   'P 31 2 1'
#
loop_
_entity.id
_entity.type
_entity.pdbx_description
1 polymer ACETYLCHOLINESTERASE
2 branched alpha-L-fucopyranose-(1-6)-2-acetamido-2-deoxy-beta-D-glucopyranose
3 branched 2-acetamido-2-deoxy-beta-D-glucopyranose-(1-4)-2-acetamido-2-deoxy-beta-D-glucopyranose
4 non-polymer '(1R)-1,2,2-TRIMETHYLPROPYL (S)-METHYLPHOSPHINATE'
5 non-polymer 2-AMINO-2-HYDROXYMETHYL-PROPANE-1,3-DIOL
6 non-polymer 'TETRAETHYLENE GLYCOL'
7 non-polymer DI(HYDROXYETHYL)ETHER
8 non-polymer 'CHLORIDE ION'
9 water water
#
_entity_poly.entity_id   1
_entity_poly.type   'polypeptide(L)'
_entity_poly.pdbx_seq_one_letter_code
;DDHSELLVNTKSGKVMGTRVPVLSSHISAFLGIPFAEPPVGNMRFRRPEPKKPWSGVWNASTYPNNCQQYVDEQFPGFSG
SEMWNPNREMSEDCLYLNIWVPSPRPKSTTVMVWIYGGGFYSGSSTLDVYNGKYLAYTEEVVLVSLSYRVGAFGFLALHG
SQEAPGNVGLLDQRMALQWVHDNIQFFGGDPKTVTIFGESAGGASVGMHILSPGSRDLFRRAILQSGSPNCPWASVSVAE
GRRRAVELGRNLNCNLNSDEELIHCLREKKPQELIDVEWNVLPFDSIFRFSFVPVIDGEFFPTSLESMLNSGNFKKTQIL
LGVNKDEGSFFLLYGAPGFSKDSESKISREDFMSGVKLSVPHANDLGLDAVTLQYTDWMDDNNGIKNRDGLDDIVGDHNV
ICPLMHFVNKYTKFGNGTYLYFFNHRASNLVWPEWMGVIHGYEIEFVFGLPLVKELNYTAEEEALSRRIMHYWATFAKTG
NPNEPHSQESKWPLFTTKEQKFIDLNTEPMKVHQRLRVQMCVFWNQFLPKLLNATAC
;
_entity_poly.pdbx_strand_id   A
#
loop_
_chem_comp.id
_chem_comp.type
_chem_comp.name
_chem_comp.formula
CL non-polymer 'CHLORIDE ION' 'Cl -1'
FUC L-saccharide, alpha linking alpha-L-fucopyranose 'C6 H12 O5'
GD8 non-polymer '(1R)-1,2,2-TRIMETHYLPROPYL (S)-METHYLPHOSPHINATE' 'C7 H17 O2 P'
NAG D-saccharide, beta linking 2-acetamido-2-deoxy-beta-D-glucopyranose 'C8 H15 N O6'
PEG non-polymer DI(HYDROXYETHYL)ETHER 'C4 H10 O3'
PG4 non-polymer 'TETRAETHYLENE GLYCOL' 'C8 H18 O5'
TRS non-polymer 2-AMINO-2-HYDROXYMETHYL-PROPANE-1,3-DIOL 'C4 H12 N O3 1'
#
# COMPACT_ATOMS: atom_id res chain seq x y z
N SER A 4 14.83 -31.57 -10.62
CA SER A 4 13.42 -31.22 -10.28
C SER A 4 13.15 -29.71 -10.36
N GLU A 5 12.14 -29.35 -11.14
CA GLU A 5 11.67 -27.98 -11.28
C GLU A 5 11.21 -27.34 -9.96
N LEU A 6 10.75 -28.17 -9.02
CA LEU A 6 10.23 -27.69 -7.75
C LEU A 6 11.29 -27.58 -6.66
N LEU A 7 12.51 -28.03 -6.96
CA LEU A 7 13.62 -27.92 -6.01
C LEU A 7 14.58 -26.81 -6.43
N VAL A 8 14.80 -25.86 -5.53
CA VAL A 8 15.71 -24.74 -5.78
C VAL A 8 16.67 -24.64 -4.63
N ASN A 9 17.97 -24.57 -4.94
CA ASN A 9 18.96 -24.25 -3.93
C ASN A 9 19.24 -22.75 -3.88
N THR A 10 19.19 -22.19 -2.66
CA THR A 10 19.41 -20.77 -2.44
C THR A 10 20.58 -20.63 -1.50
N LYS A 11 21.05 -19.39 -1.32
CA LYS A 11 22.07 -19.08 -0.33
C LYS A 11 21.62 -19.37 1.11
N SER A 12 20.31 -19.53 1.32
CA SER A 12 19.81 -19.80 2.67
C SER A 12 19.55 -21.29 2.92
N GLY A 13 19.64 -22.08 1.85
CA GLY A 13 19.29 -23.49 1.89
C GLY A 13 18.35 -23.89 0.78
N LYS A 14 18.03 -25.17 0.73
CA LYS A 14 17.18 -25.70 -0.34
C LYS A 14 15.71 -25.47 0.00
N VAL A 15 14.91 -25.19 -1.02
CA VAL A 15 13.45 -25.08 -0.87
C VAL A 15 12.73 -25.96 -1.89
N MET A 16 11.65 -26.60 -1.46
CA MET A 16 10.79 -27.38 -2.35
CA MET A 16 10.80 -27.37 -2.37
C MET A 16 9.43 -26.71 -2.50
N GLY A 17 9.09 -26.39 -3.74
CA GLY A 17 7.82 -25.75 -4.03
C GLY A 17 6.74 -26.74 -4.42
N THR A 18 5.74 -26.24 -5.11
CA THR A 18 4.56 -27.02 -5.44
C THR A 18 4.07 -26.61 -6.81
N ARG A 19 3.55 -27.57 -7.58
CA ARG A 19 2.98 -27.27 -8.89
C ARG A 19 1.54 -26.84 -8.69
N VAL A 20 1.19 -25.66 -9.17
CA VAL A 20 -0.16 -25.15 -8.99
C VAL A 20 -0.85 -24.97 -10.34
N PRO A 21 -2.12 -25.41 -10.43
CA PRO A 21 -2.86 -25.21 -11.67
C PRO A 21 -3.19 -23.74 -11.85
N VAL A 22 -3.18 -23.30 -13.09
CA VAL A 22 -3.53 -21.94 -13.45
C VAL A 22 -4.04 -21.88 -14.89
N LEU A 23 -5.30 -21.52 -15.05
CA LEU A 23 -5.89 -21.27 -16.38
C LEU A 23 -5.64 -22.38 -17.44
N SER A 24 -5.91 -23.62 -17.04
CA SER A 24 -5.71 -24.80 -17.91
C SER A 24 -4.24 -25.21 -18.08
N SER A 25 -3.35 -24.56 -17.34
CA SER A 25 -1.93 -24.90 -17.32
C SER A 25 -1.45 -25.01 -15.87
N HIS A 26 -0.13 -24.93 -15.66
CA HIS A 26 0.46 -25.06 -14.32
C HIS A 26 1.70 -24.17 -14.22
N ILE A 27 2.06 -23.79 -13.01
CA ILE A 27 3.33 -23.12 -12.73
C ILE A 27 3.85 -23.57 -11.39
N SER A 28 5.04 -23.11 -11.02
CA SER A 28 5.62 -23.49 -9.74
C SER A 28 5.36 -22.37 -8.75
N ALA A 29 5.09 -22.76 -7.51
CA ALA A 29 4.90 -21.81 -6.41
C ALA A 29 5.79 -22.23 -5.28
N PHE A 30 6.51 -21.26 -4.71
CA PHE A 30 7.29 -21.49 -3.53
C PHE A 30 6.71 -20.55 -2.47
N LEU A 31 5.99 -21.14 -1.52
CA LEU A 31 5.16 -20.39 -0.58
C LEU A 31 5.76 -20.47 0.80
N GLY A 32 5.73 -19.35 1.53
CA GLY A 32 6.21 -19.36 2.90
C GLY A 32 7.71 -19.58 3.12
N ILE A 33 8.54 -18.99 2.27
CA ILE A 33 10.00 -18.99 2.47
C ILE A 33 10.39 -17.93 3.50
N PRO A 34 11.15 -18.31 4.55
CA PRO A 34 11.52 -17.36 5.59
C PRO A 34 12.65 -16.43 5.11
N PHE A 35 12.55 -15.13 5.43
CA PHE A 35 13.62 -14.20 5.01
C PHE A 35 14.25 -13.51 6.20
N ALA A 36 13.67 -13.68 7.39
CA ALA A 36 14.22 -13.12 8.60
C ALA A 36 14.03 -14.14 9.70
N GLU A 37 14.77 -13.96 10.79
CA GLU A 37 14.51 -14.68 12.02
C GLU A 37 13.14 -14.24 12.57
N PRO A 38 12.37 -15.17 13.19
CA PRO A 38 11.11 -14.82 13.87
C PRO A 38 11.29 -13.67 14.86
N PRO A 39 10.58 -12.55 14.64
CA PRO A 39 10.77 -11.37 15.50
C PRO A 39 9.94 -11.47 16.79
N VAL A 40 10.22 -12.51 17.55
CA VAL A 40 9.43 -12.88 18.72
C VAL A 40 10.21 -12.69 20.02
N GLY A 41 9.48 -12.55 21.12
CA GLY A 41 10.07 -12.41 22.45
C GLY A 41 10.76 -11.09 22.60
N ASN A 42 12.05 -11.12 22.93
CA ASN A 42 12.85 -9.91 23.07
CA ASN A 42 12.82 -9.89 23.07
C ASN A 42 13.16 -9.25 21.72
N MET A 43 12.84 -9.93 20.63
CA MET A 43 13.01 -9.37 19.30
CA MET A 43 13.00 -9.39 19.29
C MET A 43 11.78 -8.56 18.86
N ARG A 44 10.70 -8.60 19.64
CA ARG A 44 9.53 -7.74 19.34
C ARG A 44 9.94 -6.27 19.35
N PHE A 45 9.54 -5.55 18.29
CA PHE A 45 9.86 -4.12 18.06
C PHE A 45 11.25 -3.84 17.49
N ARG A 46 12.12 -4.86 17.51
CA ARG A 46 13.49 -4.69 17.02
CA ARG A 46 13.51 -4.76 17.03
C ARG A 46 13.60 -4.85 15.50
N ARG A 47 14.65 -4.25 14.94
CA ARG A 47 15.01 -4.46 13.53
C ARG A 47 15.06 -5.97 13.22
N PRO A 48 14.66 -6.36 12.00
CA PRO A 48 14.74 -7.76 11.65
C PRO A 48 16.20 -8.24 11.55
N GLU A 49 16.39 -9.52 11.83
CA GLU A 49 17.68 -10.21 11.65
CA GLU A 49 17.69 -10.16 11.61
C GLU A 49 17.56 -11.16 10.47
N PRO A 50 18.63 -11.26 9.63
CA PRO A 50 18.60 -12.18 8.49
C PRO A 50 18.30 -13.61 8.96
N LYS A 51 17.55 -14.37 8.16
CA LYS A 51 17.22 -15.74 8.53
C LYS A 51 18.50 -16.60 8.49
N LYS A 52 18.77 -17.35 9.56
CA LYS A 52 19.90 -18.27 9.57
C LYS A 52 19.64 -19.41 8.58
N PRO A 53 20.64 -19.74 7.74
CA PRO A 53 20.48 -20.81 6.75
C PRO A 53 20.09 -22.13 7.42
N TRP A 54 19.33 -22.96 6.71
CA TRP A 54 18.87 -24.24 7.24
C TRP A 54 19.47 -25.41 6.46
N SER A 55 19.54 -26.57 7.12
CA SER A 55 19.90 -27.82 6.46
C SER A 55 18.64 -28.49 5.96
N GLY A 56 18.78 -29.47 5.08
CA GLY A 56 17.62 -30.16 4.54
C GLY A 56 16.82 -29.26 3.61
N VAL A 57 15.56 -29.64 3.38
CA VAL A 57 14.76 -29.01 2.35
C VAL A 57 13.60 -28.29 3.03
N TRP A 58 13.54 -26.97 2.84
CA TRP A 58 12.42 -26.21 3.38
C TRP A 58 11.15 -26.53 2.59
N ASN A 59 10.12 -26.97 3.30
CA ASN A 59 8.84 -27.23 2.68
C ASN A 59 8.11 -25.92 2.36
N ALA A 60 8.09 -25.56 1.09
CA ALA A 60 7.49 -24.32 0.60
C ALA A 60 6.24 -24.61 -0.23
N SER A 61 5.40 -25.50 0.28
CA SER A 61 4.22 -25.91 -0.48
C SER A 61 2.95 -25.20 -0.01
N THR A 62 3.04 -24.55 1.16
CA THR A 62 1.85 -23.91 1.75
C THR A 62 2.10 -22.47 2.22
N TYR A 63 1.05 -21.66 2.12
CA TYR A 63 1.07 -20.30 2.62
C TYR A 63 1.52 -20.18 4.10
N PRO A 64 2.30 -19.13 4.42
CA PRO A 64 2.73 -18.88 5.79
C PRO A 64 1.62 -18.31 6.70
N ASN A 65 1.90 -18.21 8.00
CA ASN A 65 1.09 -17.40 8.94
C ASN A 65 1.03 -15.93 8.51
N ASN A 66 -0.02 -15.22 8.90
CA ASN A 66 -0.09 -13.76 8.69
C ASN A 66 0.40 -13.06 9.94
N CYS A 67 0.86 -11.82 9.82
CA CYS A 67 1.30 -11.08 10.98
C CYS A 67 0.10 -10.73 11.87
N GLN A 68 0.38 -10.52 13.16
CA GLN A 68 -0.65 -10.17 14.14
C GLN A 68 -1.22 -8.81 13.79
N GLN A 69 -2.54 -8.75 13.72
CA GLN A 69 -3.21 -7.51 13.30
C GLN A 69 -4.64 -7.41 13.82
N TYR A 70 -5.12 -6.18 13.89
CA TYR A 70 -6.55 -5.87 13.99
C TYR A 70 -7.31 -6.55 12.88
N VAL A 71 -8.41 -7.22 13.22
CA VAL A 71 -9.24 -7.92 12.24
C VAL A 71 -10.61 -7.23 12.12
N ASP A 72 -10.99 -6.90 10.89
CA ASP A 72 -12.26 -6.18 10.63
C ASP A 72 -13.43 -7.10 10.89
N GLU A 73 -14.28 -6.74 11.85
CA GLU A 73 -15.52 -7.50 12.14
C GLU A 73 -16.78 -6.65 11.94
N GLN A 74 -16.65 -5.59 11.18
CA GLN A 74 -17.76 -4.65 10.96
C GLN A 74 -18.92 -5.28 10.18
N PHE A 75 -18.61 -6.17 9.24
CA PHE A 75 -19.65 -6.90 8.50
C PHE A 75 -19.38 -8.41 8.46
N PRO A 76 -19.67 -9.13 9.57
CA PRO A 76 -19.28 -10.54 9.66
C PRO A 76 -19.84 -11.38 8.52
N GLY A 77 -19.00 -12.18 7.87
CA GLY A 77 -19.44 -13.02 6.77
C GLY A 77 -19.54 -12.35 5.41
N PHE A 78 -19.35 -11.04 5.35
CA PHE A 78 -19.52 -10.30 4.10
C PHE A 78 -18.22 -10.37 3.32
N SER A 79 -18.27 -10.82 2.07
CA SER A 79 -17.03 -11.02 1.29
C SER A 79 -16.28 -9.72 0.98
N GLY A 80 -17.01 -8.62 0.81
CA GLY A 80 -16.39 -7.32 0.52
C GLY A 80 -15.34 -6.87 1.53
N SER A 81 -15.60 -7.20 2.80
CA SER A 81 -14.70 -6.82 3.90
C SER A 81 -13.79 -7.98 4.28
N GLU A 82 -14.33 -9.19 4.28
CA GLU A 82 -13.54 -10.33 4.73
C GLU A 82 -12.41 -10.72 3.78
N MET A 83 -12.52 -10.31 2.51
CA MET A 83 -11.47 -10.55 1.52
C MET A 83 -10.13 -9.85 1.88
N TRP A 84 -10.18 -8.88 2.82
CA TRP A 84 -8.99 -8.14 3.26
C TRP A 84 -8.43 -8.66 4.57
N ASN A 85 -9.19 -9.52 5.25
CA ASN A 85 -8.81 -10.06 6.56
C ASN A 85 -7.81 -11.19 6.39
N PRO A 86 -6.98 -11.44 7.43
CA PRO A 86 -6.09 -12.59 7.39
C PRO A 86 -6.89 -13.84 7.09
N ASN A 87 -6.39 -14.67 6.18
CA ASN A 87 -7.00 -15.95 5.88
C ASN A 87 -6.13 -17.14 6.33
N ARG A 88 -5.06 -16.84 7.07
CA ARG A 88 -4.28 -17.88 7.73
CA ARG A 88 -4.23 -17.85 7.73
C ARG A 88 -4.19 -17.50 9.22
N GLU A 89 -3.69 -18.42 10.02
CA GLU A 89 -3.48 -18.15 11.45
CA GLU A 89 -3.47 -18.17 11.45
C GLU A 89 -2.54 -16.95 11.60
N MET A 90 -2.78 -16.15 12.63
CA MET A 90 -1.93 -15.00 12.89
C MET A 90 -0.82 -15.39 13.83
N SER A 91 0.38 -14.89 13.55
CA SER A 91 1.51 -15.18 14.40
C SER A 91 2.49 -14.04 14.32
N GLU A 92 3.23 -13.80 15.41
CA GLU A 92 4.37 -12.89 15.30
C GLU A 92 5.48 -13.51 14.44
N ASP A 93 5.45 -14.83 14.31
CA ASP A 93 6.36 -15.53 13.42
C ASP A 93 5.75 -15.46 12.02
N CYS A 94 6.03 -14.38 11.29
CA CYS A 94 5.27 -14.12 10.05
C CYS A 94 6.10 -13.55 8.91
N LEU A 95 7.43 -13.55 9.07
CA LEU A 95 8.27 -12.91 8.06
C LEU A 95 8.69 -13.91 6.98
N TYR A 96 7.82 -14.03 5.97
CA TYR A 96 7.93 -15.01 4.91
C TYR A 96 7.62 -14.36 3.58
N LEU A 97 8.09 -14.98 2.50
CA LEU A 97 7.74 -14.49 1.16
C LEU A 97 7.28 -15.64 0.27
N ASN A 98 6.60 -15.28 -0.81
CA ASN A 98 6.01 -16.24 -1.72
C ASN A 98 6.51 -15.92 -3.13
N ILE A 99 6.80 -16.95 -3.91
CA ILE A 99 7.28 -16.75 -5.26
C ILE A 99 6.53 -17.64 -6.26
N TRP A 100 5.98 -17.05 -7.32
CA TRP A 100 5.39 -17.80 -8.41
C TRP A 100 6.36 -17.75 -9.58
N VAL A 101 6.65 -18.91 -10.15
CA VAL A 101 7.69 -19.04 -11.17
C VAL A 101 7.11 -19.71 -12.43
N PRO A 102 7.22 -19.07 -13.59
CA PRO A 102 6.79 -19.74 -14.83
C PRO A 102 7.41 -21.15 -15.00
N SER A 103 6.69 -21.99 -15.73
CA SER A 103 7.10 -23.34 -16.07
C SER A 103 7.16 -23.49 -17.61
N PRO A 104 8.32 -23.91 -18.16
CA PRO A 104 9.54 -24.30 -17.45
C PRO A 104 10.23 -23.10 -16.79
N ARG A 105 11.07 -23.37 -15.79
CA ARG A 105 11.77 -22.31 -15.05
C ARG A 105 12.52 -21.37 -16.00
N PRO A 106 12.29 -20.06 -15.87
CA PRO A 106 13.01 -19.11 -16.75
C PRO A 106 14.48 -19.04 -16.38
N LYS A 107 15.24 -18.33 -17.21
CA LYS A 107 16.67 -18.21 -16.99
C LYS A 107 17.01 -16.90 -16.28
N SER A 108 16.52 -15.80 -16.82
CA SER A 108 16.80 -14.49 -16.25
C SER A 108 15.68 -13.52 -16.60
N THR A 109 14.53 -13.71 -15.97
CA THR A 109 13.36 -12.96 -16.35
C THR A 109 13.03 -11.81 -15.36
N THR A 110 12.21 -10.88 -15.82
CA THR A 110 11.70 -9.77 -15.00
C THR A 110 11.03 -10.27 -13.72
N VAL A 111 11.32 -9.58 -12.62
CA VAL A 111 10.78 -9.90 -11.30
C VAL A 111 9.90 -8.72 -10.81
N MET A 112 8.75 -9.05 -10.21
CA MET A 112 7.84 -8.06 -9.62
C MET A 112 7.61 -8.49 -8.19
N VAL A 113 7.79 -7.55 -7.27
CA VAL A 113 7.64 -7.81 -5.88
C VAL A 113 6.48 -6.97 -5.33
N TRP A 114 5.47 -7.68 -4.82
CA TRP A 114 4.24 -7.08 -4.30
C TRP A 114 4.38 -6.75 -2.83
N ILE A 115 3.99 -5.52 -2.47
CA ILE A 115 4.00 -5.07 -1.08
C ILE A 115 2.56 -4.74 -0.69
N TYR A 116 1.96 -5.53 0.20
CA TYR A 116 0.54 -5.34 0.53
C TYR A 116 0.27 -4.03 1.27
N GLY A 117 -0.96 -3.53 1.11
CA GLY A 117 -1.42 -2.36 1.88
C GLY A 117 -2.19 -2.80 3.11
N GLY A 118 -2.92 -1.87 3.72
CA GLY A 118 -3.63 -2.12 4.98
C GLY A 118 -3.35 -1.05 6.01
N GLY A 119 -3.04 0.15 5.56
CA GLY A 119 -2.83 1.31 6.44
C GLY A 119 -1.73 1.16 7.48
N PHE A 120 -0.78 0.26 7.21
CA PHE A 120 0.28 -0.11 8.16
C PHE A 120 -0.21 -0.80 9.42
N TYR A 121 -1.50 -1.06 9.53
CA TYR A 121 -2.03 -1.74 10.73
C TYR A 121 -2.51 -3.15 10.43
N SER A 122 -2.55 -3.49 9.14
CA SER A 122 -3.07 -4.79 8.73
C SER A 122 -2.51 -5.16 7.37
N GLY A 123 -2.88 -6.34 6.89
CA GLY A 123 -2.50 -6.81 5.56
C GLY A 123 -1.86 -8.19 5.62
N SER A 124 -1.90 -8.90 4.50
CA SER A 124 -1.43 -10.28 4.42
C SER A 124 -0.97 -10.52 2.99
N SER A 125 0.05 -11.34 2.83
CA SER A 125 0.56 -11.67 1.49
C SER A 125 -0.32 -12.75 0.85
N THR A 126 -1.16 -13.39 1.67
CA THR A 126 -1.84 -14.64 1.32
C THR A 126 -3.26 -14.46 0.82
N LEU A 127 -3.72 -13.22 0.71
CA LEU A 127 -5.09 -12.95 0.27
C LEU A 127 -5.35 -13.53 -1.12
N ASP A 128 -6.58 -14.02 -1.36
CA ASP A 128 -6.96 -14.53 -2.70
C ASP A 128 -6.73 -13.51 -3.78
N VAL A 129 -6.93 -12.25 -3.42
CA VAL A 129 -6.80 -11.16 -4.37
C VAL A 129 -5.31 -10.88 -4.74
N TYR A 130 -4.36 -11.40 -3.96
CA TYR A 130 -2.92 -11.25 -4.24
C TYR A 130 -2.28 -12.54 -4.79
N ASN A 131 -3.11 -13.50 -5.19
CA ASN A 131 -2.61 -14.76 -5.77
C ASN A 131 -1.79 -14.44 -7.01
N GLY A 132 -0.48 -14.64 -6.91
CA GLY A 132 0.40 -14.23 -8.00
C GLY A 132 0.39 -15.11 -9.24
N LYS A 133 -0.31 -16.24 -9.17
CA LYS A 133 -0.22 -17.23 -10.26
C LYS A 133 -0.67 -16.72 -11.63
N TYR A 134 -1.75 -15.93 -11.68
CA TYR A 134 -2.30 -15.47 -12.96
C TYR A 134 -1.35 -14.53 -13.67
N LEU A 135 -0.78 -13.59 -12.91
CA LEU A 135 0.14 -12.62 -13.49
C LEU A 135 1.45 -13.28 -13.90
N ALA A 136 1.99 -14.13 -13.05
CA ALA A 136 3.23 -14.84 -13.33
C ALA A 136 3.06 -15.69 -14.59
N TYR A 137 1.96 -16.43 -14.66
CA TYR A 137 1.68 -17.28 -15.81
C TYR A 137 1.47 -16.48 -17.09
N THR A 138 0.61 -15.46 -17.02
CA THR A 138 0.18 -14.76 -18.23
C THR A 138 1.29 -13.90 -18.80
N GLU A 139 2.01 -13.19 -17.94
CA GLU A 139 3.02 -12.26 -18.39
C GLU A 139 4.46 -12.79 -18.31
N GLU A 140 4.61 -14.02 -17.82
CA GLU A 140 5.92 -14.67 -17.75
C GLU A 140 6.92 -13.89 -16.92
N VAL A 141 6.49 -13.52 -15.71
CA VAL A 141 7.38 -12.90 -14.74
C VAL A 141 7.51 -13.79 -13.54
N VAL A 142 8.59 -13.60 -12.78
CA VAL A 142 8.72 -14.18 -11.47
C VAL A 142 8.02 -13.21 -10.52
N LEU A 143 6.97 -13.67 -9.86
CA LEU A 143 6.15 -12.80 -9.01
C LEU A 143 6.43 -13.14 -7.57
N VAL A 144 6.88 -12.15 -6.81
CA VAL A 144 7.14 -12.36 -5.40
C VAL A 144 6.16 -11.53 -4.55
N SER A 145 5.67 -12.10 -3.46
CA SER A 145 4.99 -11.29 -2.45
C SER A 145 5.70 -11.40 -1.13
N LEU A 146 6.01 -10.26 -0.54
CA LEU A 146 6.70 -10.26 0.75
C LEU A 146 5.70 -10.02 1.89
N SER A 147 6.18 -10.01 3.11
CA SER A 147 5.35 -9.61 4.25
C SER A 147 6.18 -8.71 5.14
N TYR A 148 5.52 -8.08 6.10
CA TYR A 148 6.17 -7.17 7.02
C TYR A 148 5.26 -6.97 8.22
N ARG A 149 5.87 -6.71 9.38
CA ARG A 149 5.12 -6.48 10.60
C ARG A 149 4.32 -5.19 10.47
N VAL A 150 3.08 -5.24 10.98
CA VAL A 150 2.18 -4.10 10.95
C VAL A 150 1.78 -3.71 12.38
N GLY A 151 1.04 -2.60 12.52
CA GLY A 151 0.63 -2.14 13.83
C GLY A 151 1.81 -1.81 14.72
N ALA A 152 1.63 -1.91 16.04
CA ALA A 152 2.71 -1.66 16.97
C ALA A 152 3.92 -2.60 16.74
N PHE A 153 3.66 -3.84 16.36
CA PHE A 153 4.75 -4.80 16.10
C PHE A 153 5.72 -4.32 15.02
N GLY A 154 5.20 -3.56 14.04
CA GLY A 154 6.02 -3.03 12.96
C GLY A 154 6.48 -1.59 13.11
N PHE A 155 5.76 -0.81 13.90
CA PHE A 155 5.90 0.65 13.83
C PHE A 155 5.88 1.40 15.15
N LEU A 156 5.79 0.70 16.28
CA LEU A 156 5.96 1.39 17.57
C LEU A 156 7.32 2.08 17.55
N ALA A 157 7.36 3.38 17.82
CA ALA A 157 8.60 4.17 17.68
C ALA A 157 8.94 4.93 18.95
N LEU A 158 10.06 4.57 19.57
CA LEU A 158 10.61 5.29 20.72
C LEU A 158 12.00 5.81 20.31
N HIS A 159 12.01 6.92 19.60
CA HIS A 159 13.22 7.37 18.93
C HIS A 159 14.32 7.59 19.96
N GLY A 160 15.50 7.05 19.69
CA GLY A 160 16.61 7.13 20.63
C GLY A 160 16.86 5.76 21.23
N SER A 161 15.82 4.93 21.24
CA SER A 161 15.96 3.55 21.68
C SER A 161 16.44 2.70 20.50
N GLN A 162 17.22 1.65 20.79
CA GLN A 162 17.62 0.68 19.78
C GLN A 162 16.75 -0.55 19.85
N GLU A 163 15.98 -0.64 20.92
CA GLU A 163 15.07 -1.76 21.13
C GLU A 163 13.73 -1.57 20.41
N ALA A 164 13.28 -0.31 20.30
CA ALA A 164 12.05 0.02 19.57
C ALA A 164 12.27 1.30 18.77
N PRO A 165 13.11 1.24 17.72
CA PRO A 165 13.47 2.47 17.03
C PRO A 165 12.41 3.00 16.07
N GLY A 166 11.42 2.18 15.73
CA GLY A 166 10.45 2.58 14.69
C GLY A 166 10.87 2.03 13.33
N ASN A 167 9.96 2.07 12.36
CA ASN A 167 10.23 1.69 10.98
C ASN A 167 10.61 0.22 10.75
N VAL A 168 10.45 -0.64 11.75
CA VAL A 168 10.94 -2.01 11.60
C VAL A 168 10.18 -2.79 10.53
N GLY A 169 8.90 -2.47 10.33
CA GLY A 169 8.13 -3.07 9.22
C GLY A 169 8.69 -2.67 7.86
N LEU A 170 9.17 -1.44 7.72
CA LEU A 170 9.83 -1.02 6.47
C LEU A 170 11.15 -1.77 6.31
N LEU A 171 11.84 -1.99 7.41
CA LEU A 171 13.07 -2.80 7.37
C LEU A 171 12.79 -4.28 7.07
N ASP A 172 11.64 -4.79 7.54
CA ASP A 172 11.18 -6.14 7.12
C ASP A 172 11.05 -6.17 5.60
N GLN A 173 10.40 -5.16 5.03
CA GLN A 173 10.26 -5.13 3.58
C GLN A 173 11.63 -5.09 2.89
N ARG A 174 12.54 -4.25 3.39
CA ARG A 174 13.89 -4.13 2.80
C ARG A 174 14.63 -5.48 2.87
N MET A 175 14.52 -6.18 4.00
CA MET A 175 15.18 -7.50 4.14
C MET A 175 14.64 -8.54 3.16
N ALA A 176 13.33 -8.51 2.92
CA ALA A 176 12.77 -9.36 1.87
C ALA A 176 13.34 -8.95 0.50
N LEU A 177 13.45 -7.64 0.23
CA LEU A 177 14.07 -7.20 -1.03
C LEU A 177 15.54 -7.61 -1.13
N GLN A 178 16.25 -7.59 -0.02
CA GLN A 178 17.64 -8.04 0.05
C GLN A 178 17.72 -9.51 -0.33
N TRP A 179 16.80 -10.31 0.22
CA TRP A 179 16.77 -11.75 -0.07
C TRP A 179 16.48 -12.00 -1.52
N VAL A 180 15.56 -11.24 -2.12
CA VAL A 180 15.25 -11.34 -3.53
C VAL A 180 16.49 -10.96 -4.35
N HIS A 181 17.13 -9.86 -3.98
CA HIS A 181 18.36 -9.45 -4.65
C HIS A 181 19.39 -10.59 -4.66
N ASP A 182 19.58 -11.22 -3.51
CA ASP A 182 20.59 -12.25 -3.34
C ASP A 182 20.24 -13.63 -3.91
N ASN A 183 18.95 -13.92 -4.06
CA ASN A 183 18.55 -15.30 -4.32
C ASN A 183 17.64 -15.51 -5.50
N ILE A 184 17.05 -14.44 -6.03
CA ILE A 184 16.02 -14.63 -7.06
C ILE A 184 16.58 -15.28 -8.35
N GLN A 185 17.87 -15.11 -8.60
CA GLN A 185 18.52 -15.70 -9.80
C GLN A 185 18.31 -17.23 -9.82
N PHE A 186 18.27 -17.86 -8.65
CA PHE A 186 18.12 -19.33 -8.58
C PHE A 186 16.72 -19.80 -8.96
N PHE A 187 15.76 -18.87 -8.90
CA PHE A 187 14.38 -19.16 -9.31
C PHE A 187 14.18 -18.75 -10.74
N GLY A 188 15.24 -18.30 -11.39
CA GLY A 188 15.16 -17.87 -12.78
C GLY A 188 14.84 -16.39 -12.94
N GLY A 189 14.94 -15.64 -11.84
CA GLY A 189 14.70 -14.20 -11.88
C GLY A 189 15.97 -13.41 -12.11
N ASP A 190 15.83 -12.24 -12.74
CA ASP A 190 16.95 -11.33 -12.91
C ASP A 190 16.96 -10.30 -11.79
N PRO A 191 17.93 -10.37 -10.86
CA PRO A 191 17.94 -9.42 -9.75
C PRO A 191 18.21 -7.96 -10.16
N LYS A 192 18.62 -7.73 -11.41
CA LYS A 192 18.82 -6.36 -11.90
C LYS A 192 17.57 -5.75 -12.55
N THR A 193 16.52 -6.55 -12.65
CA THR A 193 15.26 -6.08 -13.23
C THR A 193 14.07 -6.44 -12.30
N VAL A 194 14.15 -5.94 -11.08
CA VAL A 194 13.11 -6.10 -10.06
C VAL A 194 12.26 -4.84 -10.01
N THR A 195 10.94 -5.01 -10.19
CA THR A 195 9.98 -3.93 -9.98
C THR A 195 9.28 -4.16 -8.63
N ILE A 196 9.34 -3.17 -7.75
CA ILE A 196 8.48 -3.23 -6.56
C ILE A 196 7.14 -2.53 -6.85
N PHE A 197 6.06 -3.18 -6.43
CA PHE A 197 4.72 -2.60 -6.60
C PHE A 197 3.86 -2.87 -5.37
N GLY A 198 2.97 -1.92 -5.06
CA GLY A 198 2.15 -2.02 -3.87
C GLY A 198 0.98 -1.07 -3.96
N GLU A 199 -0.04 -1.36 -3.15
CA GLU A 199 -1.23 -0.53 -3.15
C GLU A 199 -1.47 0.08 -1.76
N SER A 200 -1.93 1.34 -1.75
CA SER A 200 -2.29 2.06 -0.51
C SER A 200 -1.05 2.17 0.39
N ALA A 201 -1.06 1.61 1.61
CA ALA A 201 0.18 1.59 2.40
C ALA A 201 1.36 0.89 1.69
N GLY A 202 1.07 -0.10 0.83
CA GLY A 202 2.12 -0.73 0.02
C GLY A 202 2.65 0.23 -1.03
N GLY A 203 1.80 1.09 -1.57
CA GLY A 203 2.20 2.16 -2.50
C GLY A 203 3.03 3.22 -1.79
N ALA A 204 2.57 3.66 -0.63
CA ALA A 204 3.39 4.54 0.23
C ALA A 204 4.77 3.91 0.48
N SER A 205 4.76 2.65 0.89
CA SER A 205 6.00 1.90 1.15
C SER A 205 6.96 1.91 -0.06
N VAL A 206 6.44 1.58 -1.25
CA VAL A 206 7.23 1.65 -2.48
C VAL A 206 7.92 3.04 -2.61
N GLY A 207 7.16 4.12 -2.42
CA GLY A 207 7.73 5.48 -2.42
C GLY A 207 8.79 5.68 -1.35
N MET A 208 8.59 5.05 -0.19
CA MET A 208 9.54 5.18 0.90
C MET A 208 10.86 4.48 0.55
N HIS A 209 10.79 3.37 -0.18
CA HIS A 209 12.03 2.70 -0.64
C HIS A 209 12.73 3.49 -1.74
N ILE A 210 11.94 4.19 -2.56
CA ILE A 210 12.50 5.14 -3.53
C ILE A 210 13.31 6.22 -2.82
N LEU A 211 12.76 6.73 -1.71
CA LEU A 211 13.41 7.80 -0.96
C LEU A 211 14.61 7.33 -0.12
N SER A 212 14.45 6.25 0.61
CA SER A 212 15.47 5.84 1.59
C SER A 212 16.77 5.38 0.90
N PRO A 213 17.88 6.10 1.16
CA PRO A 213 19.20 5.71 0.61
C PRO A 213 19.49 4.23 0.85
N GLY A 214 19.10 3.72 2.02
CA GLY A 214 19.37 2.31 2.34
C GLY A 214 18.54 1.28 1.59
N SER A 215 17.55 1.72 0.83
CA SER A 215 16.72 0.78 0.04
C SER A 215 16.94 0.89 -1.47
N ARG A 216 17.36 2.07 -1.93
CA ARG A 216 17.38 2.42 -3.37
C ARG A 216 18.04 1.39 -4.28
N ASP A 217 19.13 0.80 -3.81
CA ASP A 217 19.95 -0.10 -4.67
C ASP A 217 19.33 -1.48 -4.85
N LEU A 218 18.25 -1.77 -4.12
CA LEU A 218 17.69 -3.13 -4.12
C LEU A 218 16.62 -3.39 -5.17
N PHE A 219 16.32 -2.40 -5.99
CA PHE A 219 15.30 -2.62 -7.03
C PHE A 219 15.59 -1.69 -8.19
N ARG A 220 14.92 -1.95 -9.30
CA ARG A 220 15.14 -1.27 -10.54
C ARG A 220 14.12 -0.15 -10.79
N ARG A 221 12.84 -0.48 -10.60
CA ARG A 221 11.78 0.49 -10.89
C ARG A 221 10.58 0.19 -10.02
N ALA A 222 9.51 0.95 -10.17
CA ALA A 222 8.50 1.01 -9.10
C ALA A 222 7.12 1.34 -9.62
N ILE A 223 6.11 0.72 -9.00
CA ILE A 223 4.72 1.00 -9.31
C ILE A 223 3.99 1.34 -8.00
N LEU A 224 3.22 2.43 -8.00
CA LEU A 224 2.52 2.86 -6.77
C LEU A 224 1.03 2.96 -7.09
N GLN A 225 0.22 2.16 -6.41
CA GLN A 225 -1.23 2.17 -6.62
C GLN A 225 -1.94 2.83 -5.42
N SER A 226 -2.61 3.97 -5.64
CA SER A 226 -3.39 4.64 -4.59
C SER A 226 -2.60 4.86 -3.30
N GLY A 227 -1.35 5.29 -3.44
CA GLY A 227 -0.52 5.48 -2.25
C GLY A 227 0.73 6.21 -2.66
N SER A 228 1.21 7.04 -1.73
CA SER A 228 2.44 7.78 -1.95
CA SER A 228 2.36 7.90 -1.95
C SER A 228 3.09 8.08 -0.61
N PRO A 229 4.44 8.23 -0.61
CA PRO A 229 5.11 8.26 0.69
C PRO A 229 4.75 9.47 1.54
N ASN A 230 4.35 10.55 0.89
CA ASN A 230 3.96 11.78 1.56
C ASN A 230 2.49 11.84 1.97
N CYS A 231 1.74 10.74 1.88
CA CYS A 231 0.33 10.77 2.32
C CYS A 231 0.21 11.19 3.80
N PRO A 232 -0.84 11.98 4.14
CA PRO A 232 -0.89 12.54 5.51
C PRO A 232 -0.99 11.46 6.60
N TRP A 233 -1.50 10.28 6.26
CA TRP A 233 -1.63 9.16 7.18
C TRP A 233 -0.38 8.25 7.21
N ALA A 234 0.55 8.46 6.29
CA ALA A 234 1.63 7.46 6.07
C ALA A 234 2.86 7.59 6.97
N SER A 235 3.01 8.72 7.66
CA SER A 235 4.13 8.90 8.58
C SER A 235 3.77 9.87 9.68
N VAL A 236 4.53 9.84 10.77
CA VAL A 236 4.41 10.79 11.87
C VAL A 236 5.83 11.22 12.26
N SER A 237 5.93 12.27 13.08
CA SER A 237 7.21 12.75 13.58
C SER A 237 7.67 11.81 14.68
N VAL A 238 8.94 11.93 15.07
CA VAL A 238 9.42 11.12 16.19
C VAL A 238 8.74 11.50 17.51
N ALA A 239 8.41 12.77 17.68
CA ALA A 239 7.69 13.21 18.89
C ALA A 239 6.30 12.56 18.96
N GLU A 240 5.60 12.53 17.84
CA GLU A 240 4.23 11.98 17.79
C GLU A 240 4.27 10.46 17.96
N GLY A 241 5.25 9.81 17.32
CA GLY A 241 5.45 8.37 17.53
C GLY A 241 5.72 8.02 18.99
N ARG A 242 6.60 8.78 19.62
CA ARG A 242 6.88 8.63 21.05
C ARG A 242 5.60 8.79 21.89
N ARG A 243 4.84 9.85 21.62
CA ARG A 243 3.60 10.13 22.36
C ARG A 243 2.63 8.93 22.29
N ARG A 244 2.45 8.40 21.09
CA ARG A 244 1.52 7.30 20.88
C ARG A 244 2.01 6.01 21.53
N ALA A 245 3.34 5.78 21.52
CA ALA A 245 3.91 4.60 22.18
C ALA A 245 3.68 4.63 23.70
N VAL A 246 3.88 5.82 24.29
CA VAL A 246 3.66 6.02 25.74
C VAL A 246 2.17 5.89 26.09
N GLU A 247 1.31 6.44 25.24
CA GLU A 247 -0.15 6.30 25.36
C GLU A 247 -0.61 4.84 25.26
N LEU A 248 -0.01 4.06 24.36
CA LEU A 248 -0.25 2.61 24.35
C LEU A 248 0.11 1.95 25.70
N GLY A 249 1.29 2.29 26.23
CA GLY A 249 1.70 1.81 27.55
C GLY A 249 0.72 2.18 28.67
N ARG A 250 0.23 3.41 28.63
CA ARG A 250 -0.77 3.91 29.57
CA ARG A 250 -0.78 3.90 29.57
C ARG A 250 -2.05 3.04 29.51
N ASN A 251 -2.48 2.70 28.29
CA ASN A 251 -3.65 1.83 28.10
C ASN A 251 -3.48 0.43 28.67
N LEU A 252 -2.23 -0.01 28.80
CA LEU A 252 -1.92 -1.35 29.25
C LEU A 252 -1.33 -1.34 30.66
N ASN A 253 -1.48 -0.19 31.32
CA ASN A 253 -1.02 -0.01 32.71
C ASN A 253 0.46 -0.32 32.86
N CYS A 254 1.26 0.14 31.91
CA CYS A 254 2.72 -0.07 31.96
C CYS A 254 3.43 0.93 32.85
N ASN A 255 4.56 0.50 33.39
CA ASN A 255 5.51 1.43 33.98
C ASN A 255 6.02 2.35 32.86
N LEU A 256 5.88 3.65 33.05
CA LEU A 256 6.26 4.63 32.02
C LEU A 256 7.50 5.45 32.37
N ASN A 257 8.25 5.04 33.38
CA ASN A 257 9.37 5.85 33.87
C ASN A 257 10.58 5.94 32.92
N SER A 258 10.75 4.93 32.06
CA SER A 258 11.81 4.93 31.04
C SER A 258 11.41 4.10 29.82
N ASP A 259 12.11 4.32 28.69
CA ASP A 259 11.95 3.48 27.51
C ASP A 259 12.14 2.01 27.82
N GLU A 260 13.16 1.70 28.62
CA GLU A 260 13.46 0.33 29.02
C GLU A 260 12.30 -0.31 29.76
N GLU A 261 11.71 0.42 30.70
CA GLU A 261 10.55 -0.08 31.46
CA GLU A 261 10.57 -0.11 31.45
C GLU A 261 9.33 -0.27 30.56
N LEU A 262 9.09 0.71 29.68
CA LEU A 262 7.92 0.67 28.77
C LEU A 262 8.01 -0.50 27.79
N ILE A 263 9.15 -0.62 27.14
CA ILE A 263 9.37 -1.69 26.16
C ILE A 263 9.26 -3.07 26.83
N HIS A 264 9.82 -3.19 28.02
CA HIS A 264 9.75 -4.47 28.74
C HIS A 264 8.30 -4.85 29.05
N CYS A 265 7.52 -3.90 29.55
CA CYS A 265 6.09 -4.13 29.79
C CYS A 265 5.40 -4.55 28.49
N LEU A 266 5.64 -3.81 27.42
CA LEU A 266 4.98 -4.08 26.14
C LEU A 266 5.37 -5.43 25.55
N ARG A 267 6.60 -5.88 25.84
CA ARG A 267 7.05 -7.18 25.35
C ARG A 267 6.43 -8.36 26.10
N GLU A 268 5.94 -8.12 27.31
CA GLU A 268 5.33 -9.17 28.13
CA GLU A 268 5.33 -9.18 28.12
C GLU A 268 3.89 -9.47 27.70
N LYS A 269 3.26 -8.48 27.06
CA LYS A 269 1.86 -8.58 26.66
C LYS A 269 1.66 -9.56 25.53
N LYS A 270 0.52 -10.24 25.54
CA LYS A 270 0.11 -11.04 24.41
C LYS A 270 -0.19 -10.11 23.23
N PRO A 271 0.02 -10.59 21.98
CA PRO A 271 -0.20 -9.69 20.85
C PRO A 271 -1.59 -9.04 20.86
N GLN A 272 -2.63 -9.82 21.14
CA GLN A 272 -4.00 -9.31 21.13
C GLN A 272 -4.23 -8.20 22.14
N GLU A 273 -3.47 -8.21 23.24
CA GLU A 273 -3.56 -7.14 24.22
C GLU A 273 -3.19 -5.79 23.61
N LEU A 274 -2.16 -5.78 22.76
CA LEU A 274 -1.75 -4.55 22.09
C LEU A 274 -2.81 -4.09 21.09
N ILE A 275 -3.28 -5.04 20.28
CA ILE A 275 -4.25 -4.80 19.23
C ILE A 275 -5.57 -4.23 19.79
N ASP A 276 -6.00 -4.77 20.93
CA ASP A 276 -7.26 -4.34 21.57
C ASP A 276 -7.31 -2.87 21.97
N VAL A 277 -6.17 -2.24 22.22
CA VAL A 277 -6.13 -0.83 22.61
C VAL A 277 -5.44 0.07 21.56
N GLU A 278 -4.98 -0.52 20.46
CA GLU A 278 -4.26 0.19 19.40
C GLU A 278 -4.91 1.50 18.95
N TRP A 279 -6.22 1.46 18.72
CA TRP A 279 -6.93 2.61 18.17
C TRP A 279 -7.12 3.76 19.17
N ASN A 280 -6.88 3.48 20.45
CA ASN A 280 -7.02 4.49 21.51
C ASN A 280 -5.93 5.56 21.57
N VAL A 281 -4.86 5.42 20.78
CA VAL A 281 -3.71 6.34 20.91
C VAL A 281 -3.73 7.49 19.91
N LEU A 282 -4.71 7.48 18.99
CA LEU A 282 -4.79 8.54 17.99
C LEU A 282 -5.03 9.88 18.66
N PRO A 283 -4.38 10.95 18.16
CA PRO A 283 -4.49 12.24 18.81
C PRO A 283 -5.80 12.96 18.51
N PHE A 284 -6.49 12.59 17.43
CA PHE A 284 -7.70 13.30 17.02
C PHE A 284 -8.84 12.33 16.79
N ASP A 285 -10.07 12.87 16.81
CA ASP A 285 -11.25 12.19 16.29
C ASP A 285 -11.15 12.23 14.75
N SER A 286 -10.81 11.10 14.14
CA SER A 286 -10.41 11.14 12.73
C SER A 286 -10.91 9.93 11.96
N ILE A 287 -10.92 10.08 10.63
CA ILE A 287 -10.91 8.93 9.73
C ILE A 287 -9.65 9.00 8.86
N PHE A 288 -9.27 7.86 8.28
CA PHE A 288 -8.05 7.73 7.45
C PHE A 288 -6.80 8.17 8.23
N ARG A 289 -6.75 7.82 9.51
CA ARG A 289 -5.55 7.99 10.32
C ARG A 289 -5.34 6.69 11.08
N PHE A 290 -4.08 6.25 11.14
CA PHE A 290 -3.73 4.97 11.74
C PHE A 290 -2.65 5.18 12.80
N SER A 291 -2.66 4.32 13.80
CA SER A 291 -1.90 4.53 15.02
C SER A 291 -0.39 4.36 14.87
N PHE A 292 0.04 3.22 14.31
CA PHE A 292 1.48 2.92 14.25
C PHE A 292 1.97 2.91 12.82
N VAL A 293 2.69 3.97 12.45
CA VAL A 293 3.08 4.17 11.06
C VAL A 293 4.57 4.56 11.01
N PRO A 294 5.17 4.56 9.79
CA PRO A 294 6.54 5.00 9.62
C PRO A 294 6.84 6.34 10.31
N VAL A 295 8.05 6.45 10.83
CA VAL A 295 8.47 7.64 11.57
CA VAL A 295 8.47 7.66 11.55
C VAL A 295 9.62 8.34 10.83
N ILE A 296 9.57 9.68 10.74
CA ILE A 296 10.62 10.45 10.06
C ILE A 296 11.81 10.53 11.03
N ASP A 297 12.75 9.58 10.89
CA ASP A 297 13.72 9.28 11.95
C ASP A 297 15.13 9.86 11.76
N GLY A 298 15.41 10.44 10.58
CA GLY A 298 16.78 10.91 10.29
C GLY A 298 17.74 9.78 9.90
N GLU A 299 17.22 8.55 9.73
CA GLU A 299 18.04 7.41 9.36
CA GLU A 299 18.05 7.42 9.34
C GLU A 299 17.45 6.71 8.13
N PHE A 300 16.34 6.00 8.31
CA PHE A 300 15.62 5.47 7.17
C PHE A 300 15.25 6.63 6.23
N PHE A 301 14.75 7.71 6.82
CA PHE A 301 14.48 8.96 6.08
C PHE A 301 15.48 9.98 6.63
N PRO A 302 16.49 10.37 5.83
CA PRO A 302 17.52 11.26 6.39
C PRO A 302 17.01 12.66 6.79
N THR A 303 16.09 13.23 6.00
CA THR A 303 15.45 14.51 6.31
C THR A 303 13.93 14.38 6.11
N SER A 304 13.20 15.49 6.21
CA SER A 304 11.77 15.49 5.97
C SER A 304 11.48 15.03 4.55
N LEU A 305 10.32 14.40 4.37
CA LEU A 305 9.93 13.92 3.04
C LEU A 305 9.88 15.06 2.04
N GLU A 306 9.36 16.22 2.47
CA GLU A 306 9.28 17.36 1.58
C GLU A 306 10.66 17.84 1.13
N SER A 307 11.63 17.91 2.02
CA SER A 307 12.96 18.37 1.60
C SER A 307 13.65 17.35 0.68
N MET A 308 13.45 16.06 0.95
CA MET A 308 13.97 15.00 0.07
C MET A 308 13.41 15.16 -1.35
N LEU A 309 12.10 15.35 -1.45
CA LEU A 309 11.44 15.47 -2.74
C LEU A 309 11.87 16.73 -3.48
N ASN A 310 12.00 17.82 -2.75
CA ASN A 310 12.38 19.12 -3.33
CA ASN A 310 12.38 19.12 -3.31
C ASN A 310 13.81 19.12 -3.88
N SER A 311 14.73 18.44 -3.18
CA SER A 311 16.13 18.43 -3.57
C SER A 311 16.53 17.27 -4.51
N GLY A 312 15.58 16.41 -4.87
CA GLY A 312 15.88 15.23 -5.69
C GLY A 312 16.65 14.17 -4.93
N ASN A 313 16.50 14.15 -3.61
CA ASN A 313 17.14 13.14 -2.81
C ASN A 313 16.31 11.84 -2.81
N PHE A 314 16.38 11.12 -3.92
CA PHE A 314 15.66 9.87 -4.12
C PHE A 314 16.21 9.11 -5.32
N LYS A 315 15.84 7.84 -5.43
CA LYS A 315 16.21 7.03 -6.58
C LYS A 315 15.59 7.58 -7.88
N LYS A 316 16.43 7.80 -8.88
CA LYS A 316 15.97 8.29 -10.16
C LYS A 316 15.83 7.13 -11.12
N THR A 317 14.59 6.82 -11.47
CA THR A 317 14.30 5.68 -12.33
C THR A 317 12.95 5.95 -12.98
N GLN A 318 12.31 4.93 -13.55
CA GLN A 318 10.97 5.10 -14.11
C GLN A 318 9.95 4.69 -13.05
N ILE A 319 8.82 5.38 -13.02
CA ILE A 319 7.69 5.00 -12.16
C ILE A 319 6.39 4.96 -12.93
N LEU A 320 5.51 4.06 -12.49
CA LEU A 320 4.14 3.98 -13.00
C LEU A 320 3.23 4.01 -11.77
N LEU A 321 2.22 4.87 -11.80
CA LEU A 321 1.40 5.07 -10.61
C LEU A 321 0.06 5.71 -10.97
N GLY A 322 -0.84 5.77 -9.98
CA GLY A 322 -2.17 6.30 -10.23
C GLY A 322 -3.14 6.01 -9.10
N VAL A 323 -4.40 6.33 -9.36
CA VAL A 323 -5.42 6.35 -8.31
C VAL A 323 -6.72 5.81 -8.89
N ASN A 324 -7.68 5.51 -8.00
CA ASN A 324 -9.05 5.09 -8.37
C ASN A 324 -10.01 6.28 -8.26
N LYS A 325 -11.19 6.19 -8.88
CA LYS A 325 -12.14 7.31 -8.90
CA LYS A 325 -12.15 7.32 -8.91
C LYS A 325 -12.67 7.70 -7.51
N ASP A 326 -12.99 6.70 -6.69
CA ASP A 326 -13.59 6.98 -5.37
C ASP A 326 -12.76 6.48 -4.22
N GLU A 327 -11.66 7.19 -3.96
CA GLU A 327 -10.72 6.77 -2.94
C GLU A 327 -11.29 6.94 -1.52
N GLY A 328 -12.24 7.87 -1.33
CA GLY A 328 -12.75 8.19 0.00
C GLY A 328 -13.81 7.28 0.62
N SER A 329 -14.57 6.61 -0.24
CA SER A 329 -15.83 5.99 0.21
C SER A 329 -15.67 4.89 1.27
N PHE A 330 -14.60 4.09 1.17
CA PHE A 330 -14.35 3.02 2.15
C PHE A 330 -14.32 3.55 3.58
N PHE A 331 -13.57 4.64 3.77
CA PHE A 331 -13.30 5.18 5.11
C PHE A 331 -14.47 5.98 5.67
N LEU A 332 -15.21 6.64 4.79
CA LEU A 332 -16.46 7.28 5.17
C LEU A 332 -17.49 6.24 5.64
N LEU A 333 -17.64 5.15 4.88
CA LEU A 333 -18.56 4.08 5.26
C LEU A 333 -18.28 3.59 6.67
N TYR A 334 -17.00 3.37 6.97
CA TYR A 334 -16.61 2.80 8.24
C TYR A 334 -16.60 3.83 9.35
N GLY A 335 -16.33 5.09 9.03
CA GLY A 335 -15.97 6.04 10.08
C GLY A 335 -16.79 7.30 10.26
N ALA A 336 -17.69 7.60 9.34
CA ALA A 336 -18.41 8.88 9.34
C ALA A 336 -19.93 8.69 9.51
N PRO A 337 -20.58 9.54 10.33
CA PRO A 337 -22.04 9.43 10.49
C PRO A 337 -22.79 9.69 9.18
N GLY A 338 -23.87 8.94 8.97
CA GLY A 338 -24.71 9.12 7.77
C GLY A 338 -24.43 8.11 6.69
N PHE A 339 -23.27 7.45 6.79
CA PHE A 339 -22.87 6.48 5.78
C PHE A 339 -23.16 5.08 6.27
N SER A 340 -23.86 4.28 5.48
CA SER A 340 -24.05 2.87 5.86
C SER A 340 -24.02 1.95 4.65
N LYS A 341 -23.76 0.66 4.88
CA LYS A 341 -23.58 -0.28 3.77
C LYS A 341 -24.84 -0.48 2.93
N ASP A 342 -25.99 -0.46 3.59
CA ASP A 342 -27.25 -0.87 2.94
C ASP A 342 -28.19 0.27 2.58
N SER A 343 -27.71 1.50 2.57
CA SER A 343 -28.52 2.61 2.07
C SER A 343 -27.71 3.43 1.10
N GLU A 344 -28.40 4.29 0.34
CA GLU A 344 -27.74 5.18 -0.61
C GLU A 344 -26.88 6.23 0.07
N SER A 345 -26.98 6.31 1.40
CA SER A 345 -26.17 7.22 2.22
C SER A 345 -26.20 8.67 1.74
N LYS A 346 -27.39 9.18 1.47
CA LYS A 346 -27.53 10.60 1.18
C LYS A 346 -27.19 11.38 2.44
N ILE A 347 -26.42 12.44 2.28
CA ILE A 347 -25.79 13.10 3.41
C ILE A 347 -26.40 14.50 3.68
N SER A 348 -26.92 14.67 4.89
CA SER A 348 -27.44 15.96 5.34
C SER A 348 -26.31 16.96 5.49
N ARG A 349 -26.67 18.24 5.48
CA ARG A 349 -25.73 19.32 5.66
C ARG A 349 -24.95 19.15 6.96
N GLU A 350 -25.66 18.67 7.99
CA GLU A 350 -25.10 18.46 9.31
CA GLU A 350 -25.11 18.45 9.32
C GLU A 350 -24.09 17.31 9.34
N ASP A 351 -24.40 16.24 8.63
CA ASP A 351 -23.48 15.10 8.58
C ASP A 351 -22.30 15.44 7.67
N PHE A 352 -22.51 16.33 6.70
CA PHE A 352 -21.42 16.85 5.90
C PHE A 352 -20.39 17.54 6.79
N MET A 353 -20.86 18.43 7.67
CA MET A 353 -19.98 19.17 8.58
CA MET A 353 -19.97 19.17 8.56
C MET A 353 -19.22 18.24 9.51
N SER A 354 -19.91 17.27 10.08
CA SER A 354 -19.27 16.26 10.91
C SER A 354 -18.18 15.50 10.13
N GLY A 355 -18.52 15.12 8.90
CA GLY A 355 -17.60 14.46 7.97
C GLY A 355 -16.37 15.28 7.64
N VAL A 356 -16.57 16.57 7.35
CA VAL A 356 -15.44 17.43 7.06
C VAL A 356 -14.47 17.45 8.24
N LYS A 357 -15.02 17.58 9.44
CA LYS A 357 -14.19 17.63 10.64
C LYS A 357 -13.41 16.33 10.86
N LEU A 358 -14.05 15.18 10.63
CA LEU A 358 -13.37 13.89 10.76
C LEU A 358 -12.28 13.71 9.68
N SER A 359 -12.52 14.25 8.49
CA SER A 359 -11.64 14.08 7.34
C SER A 359 -10.36 14.91 7.40
N VAL A 360 -10.42 16.06 8.08
CA VAL A 360 -9.27 16.96 8.16
C VAL A 360 -9.02 17.26 9.64
N PRO A 361 -8.64 16.24 10.42
CA PRO A 361 -8.66 16.34 11.87
C PRO A 361 -7.61 17.31 12.40
N HIS A 362 -6.59 17.57 11.60
CA HIS A 362 -5.54 18.50 11.98
C HIS A 362 -5.87 19.96 11.68
N ALA A 363 -7.00 20.23 11.05
CA ALA A 363 -7.33 21.62 10.67
C ALA A 363 -7.96 22.39 11.81
N ASN A 364 -7.66 23.69 11.89
CA ASN A 364 -8.39 24.59 12.79
C ASN A 364 -9.72 24.98 12.12
N ASP A 365 -10.53 25.80 12.80
CA ASP A 365 -11.84 26.17 12.30
C ASP A 365 -11.81 26.91 10.96
N LEU A 366 -10.84 27.81 10.78
CA LEU A 366 -10.68 28.48 9.48
C LEU A 366 -10.40 27.45 8.37
N GLY A 367 -9.54 26.48 8.64
CA GLY A 367 -9.20 25.47 7.66
C GLY A 367 -10.43 24.68 7.28
N LEU A 368 -11.22 24.32 8.29
CA LEU A 368 -12.48 23.60 8.05
C LEU A 368 -13.43 24.43 7.18
N ASP A 369 -13.53 25.73 7.46
CA ASP A 369 -14.32 26.62 6.60
C ASP A 369 -13.81 26.63 5.16
N ALA A 370 -12.49 26.63 5.00
CA ALA A 370 -11.88 26.61 3.66
C ALA A 370 -12.28 25.34 2.88
N VAL A 371 -12.19 24.20 3.55
CA VAL A 371 -12.54 22.92 2.93
C VAL A 371 -14.02 22.91 2.54
N THR A 372 -14.86 23.29 3.50
CA THR A 372 -16.31 23.33 3.26
C THR A 372 -16.66 24.20 2.06
N LEU A 373 -16.07 25.40 1.99
CA LEU A 373 -16.32 26.31 0.88
C LEU A 373 -15.87 25.71 -0.45
N GLN A 374 -14.72 25.05 -0.43
CA GLN A 374 -14.14 24.47 -1.63
C GLN A 374 -15.00 23.34 -2.18
N TYR A 375 -15.68 22.61 -1.30
CA TYR A 375 -16.46 21.43 -1.73
C TYR A 375 -18.00 21.55 -1.64
N THR A 376 -18.50 22.73 -1.32
CA THR A 376 -19.96 22.92 -1.27
C THR A 376 -20.46 23.63 -2.51
N ASP A 377 -21.48 23.06 -3.14
CA ASP A 377 -22.23 23.76 -4.19
C ASP A 377 -23.30 24.63 -3.51
N TRP A 378 -23.00 25.92 -3.39
CA TRP A 378 -23.90 26.82 -2.68
C TRP A 378 -25.16 27.17 -3.44
N MET A 379 -25.27 26.71 -4.68
CA MET A 379 -26.52 26.82 -5.44
C MET A 379 -27.48 25.69 -5.09
N ASP A 380 -27.01 24.70 -4.35
CA ASP A 380 -27.74 23.45 -4.12
C ASP A 380 -27.16 22.69 -2.92
N ASP A 381 -27.09 23.36 -1.77
CA ASP A 381 -26.30 22.87 -0.62
C ASP A 381 -26.96 21.76 0.21
N ASN A 382 -28.25 21.51 -0.03
CA ASN A 382 -28.99 20.49 0.70
C ASN A 382 -29.16 19.20 -0.09
N ASN A 383 -28.43 19.09 -1.17
CA ASN A 383 -28.49 17.93 -2.01
C ASN A 383 -27.68 16.82 -1.34
N GLY A 384 -28.37 15.74 -0.97
CA GLY A 384 -27.79 14.64 -0.22
C GLY A 384 -26.76 13.84 -1.00
N ILE A 385 -26.98 13.71 -2.30
CA ILE A 385 -26.06 13.04 -3.22
C ILE A 385 -24.79 13.88 -3.37
N LYS A 386 -24.95 15.18 -3.62
CA LYS A 386 -23.82 16.09 -3.73
C LYS A 386 -22.99 16.15 -2.46
N ASN A 387 -23.65 16.15 -1.32
CA ASN A 387 -22.94 16.13 -0.04
C ASN A 387 -22.17 14.82 0.17
N ARG A 388 -22.79 13.69 -0.18
CA ARG A 388 -22.15 12.38 -0.08
C ARG A 388 -20.94 12.31 -1.02
N ASP A 389 -21.14 12.68 -2.28
CA ASP A 389 -20.05 12.70 -3.27
C ASP A 389 -18.95 13.72 -2.94
N GLY A 390 -19.34 14.86 -2.37
CA GLY A 390 -18.39 15.87 -1.92
C GLY A 390 -17.44 15.32 -0.87
N LEU A 391 -17.98 14.57 0.09
CA LEU A 391 -17.20 13.96 1.15
C LEU A 391 -16.23 12.89 0.63
N ASP A 392 -16.70 12.05 -0.29
CA ASP A 392 -15.86 11.10 -1.00
CA ASP A 392 -15.83 11.08 -0.98
C ASP A 392 -14.67 11.81 -1.61
N ASP A 393 -14.94 12.90 -2.33
CA ASP A 393 -13.86 13.70 -2.93
C ASP A 393 -12.93 14.29 -1.87
N ILE A 394 -13.49 14.86 -0.78
CA ILE A 394 -12.62 15.43 0.25
C ILE A 394 -11.64 14.38 0.77
N VAL A 395 -12.16 13.21 1.13
CA VAL A 395 -11.36 12.19 1.75
C VAL A 395 -10.36 11.63 0.74
N GLY A 396 -10.83 11.33 -0.47
CA GLY A 396 -9.96 10.82 -1.55
C GLY A 396 -8.86 11.80 -1.95
N ASP A 397 -9.24 13.05 -2.20
CA ASP A 397 -8.28 14.11 -2.60
C ASP A 397 -7.25 14.37 -1.53
N HIS A 398 -7.69 14.55 -0.29
CA HIS A 398 -6.77 14.85 0.81
C HIS A 398 -5.81 13.70 1.12
N ASN A 399 -6.32 12.45 1.12
CA ASN A 399 -5.53 11.34 1.63
C ASN A 399 -4.77 10.57 0.57
N VAL A 400 -5.26 10.61 -0.67
CA VAL A 400 -4.65 9.77 -1.71
C VAL A 400 -4.25 10.57 -2.94
N ILE A 401 -5.24 11.16 -3.62
CA ILE A 401 -5.00 11.74 -4.93
C ILE A 401 -4.06 12.94 -4.90
N CYS A 402 -4.33 13.90 -4.01
CA CYS A 402 -3.48 15.07 -3.99
C CYS A 402 -2.05 14.82 -3.48
N PRO A 403 -1.87 13.99 -2.42
CA PRO A 403 -0.48 13.63 -2.08
C PRO A 403 0.23 12.93 -3.25
N LEU A 404 -0.45 12.01 -3.92
CA LEU A 404 0.14 11.33 -5.06
C LEU A 404 0.51 12.33 -6.17
N MET A 405 -0.39 13.26 -6.48
CA MET A 405 -0.09 14.30 -7.48
C MET A 405 1.09 15.17 -7.08
N HIS A 406 1.23 15.45 -5.80
CA HIS A 406 2.36 16.23 -5.34
C HIS A 406 3.65 15.41 -5.54
N PHE A 407 3.60 14.14 -5.17
CA PHE A 407 4.71 13.23 -5.42
C PHE A 407 5.07 13.18 -6.91
N VAL A 408 4.08 12.96 -7.77
CA VAL A 408 4.37 12.81 -9.20
CA VAL A 408 4.28 12.85 -9.22
C VAL A 408 5.05 14.05 -9.78
N ASN A 409 4.61 15.23 -9.36
CA ASN A 409 5.17 16.45 -9.91
C ASN A 409 6.60 16.68 -9.38
N LYS A 410 6.84 16.42 -8.09
CA LYS A 410 8.20 16.50 -7.56
C LYS A 410 9.16 15.46 -8.17
N TYR A 411 8.67 14.23 -8.35
CA TYR A 411 9.48 13.12 -8.83
C TYR A 411 9.88 13.35 -10.28
N THR A 412 8.89 13.71 -11.10
CA THR A 412 9.06 13.92 -12.52
C THR A 412 10.13 14.96 -12.90
N LYS A 413 10.42 15.91 -12.02
CA LYS A 413 11.48 16.86 -12.24
CA LYS A 413 11.49 16.87 -12.20
C LYS A 413 12.87 16.19 -12.30
N PHE A 414 13.07 15.11 -11.54
CA PHE A 414 14.39 14.43 -11.51
C PHE A 414 14.41 13.03 -12.10
N GLY A 415 13.24 12.41 -12.29
CA GLY A 415 13.17 10.99 -12.64
C GLY A 415 13.40 10.68 -14.11
N ASN A 416 13.31 9.42 -14.48
CA ASN A 416 13.67 8.98 -15.80
C ASN A 416 12.45 8.52 -16.61
N GLY A 417 11.25 8.87 -16.13
CA GLY A 417 10.03 8.55 -16.86
C GLY A 417 8.85 8.18 -15.97
N THR A 418 7.75 8.92 -16.13
CA THR A 418 6.56 8.79 -15.28
C THR A 418 5.35 8.44 -16.14
N TYR A 419 4.62 7.40 -15.72
CA TYR A 419 3.34 7.02 -16.33
C TYR A 419 2.24 7.06 -15.27
N LEU A 420 1.21 7.88 -15.54
CA LEU A 420 0.12 8.16 -14.59
C LEU A 420 -1.21 7.58 -15.09
N TYR A 421 -1.97 6.92 -14.21
CA TYR A 421 -3.30 6.42 -14.58
C TYR A 421 -4.42 6.85 -13.63
N PHE A 422 -5.64 6.78 -14.13
CA PHE A 422 -6.84 7.03 -13.33
C PHE A 422 -7.77 5.83 -13.57
N PHE A 423 -7.87 4.95 -12.58
CA PHE A 423 -8.68 3.74 -12.70
C PHE A 423 -10.13 4.06 -12.32
N ASN A 424 -11.04 3.88 -13.28
CA ASN A 424 -12.42 4.31 -13.06
C ASN A 424 -13.46 3.32 -13.57
N HIS A 425 -13.14 2.03 -13.46
CA HIS A 425 -14.09 1.00 -13.83
C HIS A 425 -14.74 0.38 -12.59
N ARG A 426 -16.06 0.41 -12.56
CA ARG A 426 -16.80 -0.19 -11.46
C ARG A 426 -17.06 -1.63 -11.84
N ALA A 427 -16.55 -2.59 -11.06
CA ALA A 427 -16.67 -3.99 -11.44
C ALA A 427 -18.11 -4.49 -11.43
N SER A 428 -18.46 -5.27 -12.44
CA SER A 428 -19.83 -5.74 -12.66
C SER A 428 -20.33 -6.59 -11.51
N ASN A 429 -19.42 -7.24 -10.78
CA ASN A 429 -19.77 -8.15 -9.69
C ASN A 429 -19.43 -7.61 -8.28
N LEU A 430 -19.25 -6.30 -8.17
CA LEU A 430 -18.88 -5.67 -6.90
C LEU A 430 -19.96 -5.92 -5.83
N VAL A 431 -19.55 -6.27 -4.61
CA VAL A 431 -20.54 -6.59 -3.58
C VAL A 431 -20.92 -5.37 -2.73
N TRP A 432 -20.10 -4.33 -2.79
CA TRP A 432 -20.34 -3.09 -2.06
C TRP A 432 -21.42 -2.27 -2.77
N PRO A 433 -22.11 -1.38 -2.02
CA PRO A 433 -23.14 -0.56 -2.64
C PRO A 433 -22.64 0.37 -3.74
N GLU A 434 -23.54 0.66 -4.68
CA GLU A 434 -23.30 1.53 -5.81
C GLU A 434 -22.75 2.91 -5.45
N TRP A 435 -23.22 3.49 -4.33
CA TRP A 435 -22.77 4.84 -3.93
C TRP A 435 -21.25 4.91 -3.70
N MET A 436 -20.64 3.78 -3.35
CA MET A 436 -19.21 3.77 -3.06
C MET A 436 -18.34 3.88 -4.30
N GLY A 437 -18.92 3.60 -5.47
CA GLY A 437 -18.26 3.78 -6.77
C GLY A 437 -17.08 2.85 -7.01
N VAL A 438 -15.97 3.43 -7.45
CA VAL A 438 -14.75 2.68 -7.74
C VAL A 438 -13.81 2.80 -6.54
N ILE A 439 -13.86 1.76 -5.71
CA ILE A 439 -13.36 1.83 -4.35
C ILE A 439 -11.84 1.65 -4.24
N HIS A 440 -11.27 2.33 -3.24
CA HIS A 440 -9.93 2.08 -2.73
C HIS A 440 -9.67 0.57 -2.68
N GLY A 441 -8.74 0.09 -3.50
CA GLY A 441 -8.33 -1.30 -3.46
C GLY A 441 -8.90 -2.16 -4.56
N TYR A 442 -9.86 -1.62 -5.32
CA TYR A 442 -10.59 -2.48 -6.24
C TYR A 442 -10.02 -2.57 -7.66
N GLU A 443 -8.88 -1.91 -7.87
CA GLU A 443 -8.09 -2.15 -9.07
C GLU A 443 -7.21 -3.41 -8.91
N ILE A 444 -6.98 -3.83 -7.66
CA ILE A 444 -6.00 -4.88 -7.40
C ILE A 444 -6.38 -6.18 -8.11
N GLU A 445 -7.67 -6.49 -8.10
CA GLU A 445 -8.18 -7.70 -8.73
C GLU A 445 -7.92 -7.71 -10.23
N PHE A 446 -7.89 -6.53 -10.84
CA PHE A 446 -7.55 -6.41 -12.27
C PHE A 446 -6.04 -6.58 -12.51
N VAL A 447 -5.24 -5.99 -11.61
CA VAL A 447 -3.76 -6.08 -11.70
C VAL A 447 -3.31 -7.54 -11.56
N PHE A 448 -3.99 -8.30 -10.70
CA PHE A 448 -3.64 -9.69 -10.48
C PHE A 448 -4.37 -10.73 -11.37
N GLY A 449 -5.16 -10.25 -12.33
CA GLY A 449 -5.83 -11.15 -13.31
C GLY A 449 -6.98 -12.03 -12.85
N LEU A 450 -7.66 -11.64 -11.78
CA LEU A 450 -8.79 -12.43 -11.28
CA LEU A 450 -8.79 -12.42 -11.29
C LEU A 450 -9.92 -12.52 -12.32
N PRO A 451 -10.13 -11.47 -13.14
CA PRO A 451 -11.16 -11.54 -14.20
C PRO A 451 -10.91 -12.56 -15.33
N LEU A 452 -9.77 -13.24 -15.29
CA LEU A 452 -9.49 -14.31 -16.25
C LEU A 452 -10.07 -15.62 -15.76
N VAL A 453 -10.46 -15.67 -14.49
CA VAL A 453 -11.02 -16.87 -13.89
C VAL A 453 -12.54 -16.93 -14.11
N LYS A 454 -12.96 -17.91 -14.92
CA LYS A 454 -14.36 -18.14 -15.28
C LYS A 454 -15.34 -18.10 -14.11
N GLU A 455 -15.04 -18.87 -13.06
CA GLU A 455 -15.92 -19.01 -11.89
C GLU A 455 -16.16 -17.72 -11.10
N LEU A 456 -15.39 -16.67 -11.37
CA LEU A 456 -15.53 -15.43 -10.61
C LEU A 456 -16.53 -14.45 -11.22
N ASN A 457 -17.07 -14.79 -12.40
CA ASN A 457 -18.24 -14.09 -12.97
C ASN A 457 -18.00 -12.65 -13.41
N TYR A 458 -16.81 -12.36 -13.93
CA TYR A 458 -16.56 -11.05 -14.52
C TYR A 458 -17.05 -11.09 -15.96
N THR A 459 -17.24 -9.94 -16.58
CA THR A 459 -17.64 -9.92 -17.99
C THR A 459 -16.43 -10.14 -18.91
N ALA A 460 -16.70 -10.41 -20.19
CA ALA A 460 -15.67 -10.50 -21.21
C ALA A 460 -14.82 -9.22 -21.28
N GLU A 461 -15.48 -8.07 -21.19
CA GLU A 461 -14.80 -6.77 -21.29
C GLU A 461 -13.87 -6.56 -20.09
N GLU A 462 -14.26 -7.11 -18.95
CA GLU A 462 -13.46 -7.00 -17.73
C GLU A 462 -12.21 -7.88 -17.80
N GLU A 463 -12.35 -9.09 -18.37
CA GLU A 463 -11.18 -9.93 -18.65
C GLU A 463 -10.20 -9.16 -19.54
N ALA A 464 -10.72 -8.53 -20.59
CA ALA A 464 -9.90 -7.77 -21.53
C ALA A 464 -9.19 -6.61 -20.82
N LEU A 465 -9.93 -5.89 -19.98
CA LEU A 465 -9.31 -4.82 -19.18
C LEU A 465 -8.17 -5.35 -18.28
N SER A 466 -8.41 -6.47 -17.63
CA SER A 466 -7.41 -7.09 -16.78
C SER A 466 -6.15 -7.47 -17.56
N ARG A 467 -6.35 -8.11 -18.72
CA ARG A 467 -5.23 -8.47 -19.60
C ARG A 467 -4.44 -7.25 -20.03
N ARG A 468 -5.15 -6.18 -20.36
CA ARG A 468 -4.54 -4.91 -20.74
C ARG A 468 -3.68 -4.35 -19.59
N ILE A 469 -4.22 -4.38 -18.37
CA ILE A 469 -3.54 -3.85 -17.18
C ILE A 469 -2.32 -4.69 -16.84
N MET A 470 -2.51 -6.01 -16.73
CA MET A 470 -1.39 -6.92 -16.47
C MET A 470 -0.25 -6.71 -17.47
N HIS A 471 -0.62 -6.48 -18.73
CA HIS A 471 0.37 -6.27 -19.78
C HIS A 471 1.08 -4.92 -19.67
N TYR A 472 0.35 -3.86 -19.35
CA TYR A 472 0.99 -2.57 -19.03
C TYR A 472 1.99 -2.71 -17.87
N TRP A 473 1.52 -3.30 -16.77
CA TRP A 473 2.33 -3.41 -15.55
C TRP A 473 3.61 -4.24 -15.82
N ALA A 474 3.45 -5.42 -16.41
CA ALA A 474 4.58 -6.31 -16.72
C ALA A 474 5.53 -5.76 -17.79
N THR A 475 4.99 -5.10 -18.81
CA THR A 475 5.83 -4.50 -19.86
C THR A 475 6.62 -3.35 -19.25
N PHE A 476 5.94 -2.56 -18.41
CA PHE A 476 6.65 -1.55 -17.63
C PHE A 476 7.75 -2.16 -16.78
N ALA A 477 7.45 -3.25 -16.06
CA ALA A 477 8.46 -3.87 -15.21
C ALA A 477 9.68 -4.30 -16.05
N LYS A 478 9.40 -4.80 -17.26
CA LYS A 478 10.43 -5.32 -18.16
C LYS A 478 11.33 -4.21 -18.75
N THR A 479 10.73 -3.09 -19.11
CA THR A 479 11.39 -2.13 -20.00
C THR A 479 11.43 -0.70 -19.50
N GLY A 480 10.63 -0.38 -18.49
CA GLY A 480 10.52 1.01 -18.04
C GLY A 480 9.48 1.80 -18.81
N ASN A 481 8.72 1.09 -19.64
CA ASN A 481 7.70 1.69 -20.50
C ASN A 481 6.56 0.67 -20.64
N PRO A 482 5.30 1.05 -20.29
CA PRO A 482 4.17 0.09 -20.34
C PRO A 482 3.73 -0.26 -21.78
N ASN A 483 4.18 0.53 -22.75
CA ASN A 483 3.84 0.36 -24.17
C ASN A 483 4.77 -0.64 -24.85
N GLU A 484 4.16 -1.60 -25.55
CA GLU A 484 4.90 -2.48 -26.46
C GLU A 484 5.50 -1.68 -27.61
N PRO A 485 6.82 -1.82 -27.84
CA PRO A 485 7.38 -1.12 -29.00
C PRO A 485 6.73 -1.65 -30.27
N HIS A 486 6.48 -0.74 -31.20
CA HIS A 486 5.88 -1.04 -32.50
CA HIS A 486 5.89 -1.06 -32.50
C HIS A 486 4.64 -1.95 -32.44
N SER A 487 3.73 -1.65 -31.50
CA SER A 487 2.40 -2.26 -31.55
C SER A 487 1.43 -1.19 -32.11
N GLN A 488 0.26 -1.62 -32.56
CA GLN A 488 -0.69 -0.68 -33.17
CA GLN A 488 -0.73 -0.73 -33.19
C GLN A 488 -1.64 -0.05 -32.16
N GLU A 489 -1.74 -0.65 -30.97
CA GLU A 489 -2.63 -0.15 -29.90
C GLU A 489 -2.32 1.29 -29.50
N SER A 490 -3.31 1.96 -28.93
CA SER A 490 -3.14 3.36 -28.53
CA SER A 490 -3.17 3.37 -28.52
C SER A 490 -2.15 3.49 -27.38
N LYS A 491 -1.28 4.49 -27.46
CA LYS A 491 -0.16 4.64 -26.52
C LYS A 491 -0.51 5.37 -25.21
N TRP A 492 0.05 4.86 -24.11
CA TRP A 492 0.00 5.52 -22.81
C TRP A 492 1.13 6.53 -22.80
N PRO A 493 0.82 7.83 -22.88
CA PRO A 493 1.90 8.81 -22.97
C PRO A 493 2.62 9.01 -21.67
N LEU A 494 3.88 9.44 -21.76
CA LEU A 494 4.67 9.84 -20.63
C LEU A 494 4.04 11.06 -19.95
N PHE A 495 3.99 11.03 -18.62
CA PHE A 495 3.63 12.21 -17.85
C PHE A 495 4.84 13.14 -17.84
N THR A 496 4.63 14.38 -18.28
CA THR A 496 5.69 15.38 -18.20
C THR A 496 5.22 16.58 -17.40
N THR A 497 6.17 17.31 -16.81
CA THR A 497 5.88 18.54 -16.08
C THR A 497 5.04 19.52 -16.88
N LYS A 498 5.30 19.58 -18.19
CA LYS A 498 4.66 20.56 -19.06
C LYS A 498 3.24 20.20 -19.45
N GLU A 499 3.01 18.95 -19.86
CA GLU A 499 1.71 18.56 -20.39
CA GLU A 499 1.71 18.55 -20.40
C GLU A 499 0.87 17.69 -19.42
N GLN A 500 1.52 17.13 -18.41
CA GLN A 500 0.82 16.43 -17.31
C GLN A 500 -0.26 15.43 -17.72
N LYS A 501 0.04 14.65 -18.75
CA LYS A 501 -0.92 13.69 -19.31
C LYS A 501 -1.03 12.41 -18.50
N PHE A 502 -2.23 11.83 -18.53
CA PHE A 502 -2.50 10.53 -17.94
C PHE A 502 -3.60 9.83 -18.72
N ILE A 503 -3.75 8.54 -18.49
CA ILE A 503 -4.81 7.81 -19.14
C ILE A 503 -5.84 7.32 -18.14
N ASP A 504 -7.05 7.08 -18.62
CA ASP A 504 -8.04 6.37 -17.82
CA ASP A 504 -8.08 6.36 -17.86
C ASP A 504 -7.80 4.88 -18.02
N LEU A 505 -8.34 4.07 -17.11
CA LEU A 505 -8.30 2.63 -17.22
C LEU A 505 -9.71 2.11 -16.97
N ASN A 506 -10.40 1.77 -18.07
CA ASN A 506 -11.74 1.21 -18.02
C ASN A 506 -12.00 0.37 -19.28
N THR A 507 -13.20 -0.20 -19.40
CA THR A 507 -13.54 -1.06 -20.52
C THR A 507 -13.78 -0.32 -21.84
N GLU A 508 -13.78 1.01 -21.80
CA GLU A 508 -13.99 1.80 -23.01
C GLU A 508 -12.66 2.15 -23.66
N PRO A 509 -12.68 2.60 -24.95
CA PRO A 509 -11.42 2.97 -25.57
C PRO A 509 -10.66 4.00 -24.72
N MET A 510 -9.36 3.76 -24.52
CA MET A 510 -8.49 4.62 -23.70
C MET A 510 -8.57 6.07 -24.14
N LYS A 511 -8.69 6.98 -23.18
CA LYS A 511 -8.57 8.40 -23.45
C LYS A 511 -7.41 8.96 -22.68
N VAL A 512 -6.78 9.98 -23.25
CA VAL A 512 -5.70 10.71 -22.59
C VAL A 512 -6.32 11.96 -21.98
N HIS A 513 -5.94 12.28 -20.74
CA HIS A 513 -6.43 13.49 -20.06
C HIS A 513 -5.24 14.25 -19.55
N GLN A 514 -5.46 15.45 -19.02
CA GLN A 514 -4.37 16.24 -18.46
C GLN A 514 -4.74 16.82 -17.11
N ARG A 515 -3.72 17.01 -16.27
CA ARG A 515 -3.83 17.78 -15.03
C ARG A 515 -4.86 17.20 -14.04
N LEU A 516 -4.60 15.97 -13.60
CA LEU A 516 -5.51 15.23 -12.71
C LEU A 516 -5.85 16.02 -11.45
N ARG A 517 -7.14 16.33 -11.30
CA ARG A 517 -7.69 17.04 -10.14
C ARG A 517 -6.87 18.27 -9.71
N VAL A 518 -6.38 19.00 -10.71
CA VAL A 518 -5.42 20.05 -10.47
C VAL A 518 -5.99 21.16 -9.58
N GLN A 519 -7.26 21.52 -9.79
CA GLN A 519 -7.88 22.60 -9.00
C GLN A 519 -7.87 22.23 -7.50
N MET A 520 -8.42 21.08 -7.18
CA MET A 520 -8.46 20.66 -5.78
C MET A 520 -7.04 20.41 -5.21
N CYS A 521 -6.13 19.93 -6.04
CA CYS A 521 -4.78 19.65 -5.51
C CYS A 521 -3.97 20.92 -5.23
N VAL A 522 -4.27 22.02 -5.90
CA VAL A 522 -3.67 23.30 -5.49
C VAL A 522 -4.19 23.69 -4.10
N PHE A 523 -5.47 23.43 -3.87
CA PHE A 523 -6.04 23.69 -2.55
C PHE A 523 -5.32 22.81 -1.50
N TRP A 524 -5.23 21.51 -1.74
CA TRP A 524 -4.68 20.61 -0.72
C TRP A 524 -3.17 20.72 -0.55
N ASN A 525 -2.47 21.01 -1.65
CA ASN A 525 -1.00 20.97 -1.65
C ASN A 525 -0.35 22.32 -1.42
N GLN A 526 -1.05 23.40 -1.76
CA GLN A 526 -0.47 24.74 -1.65
CA GLN A 526 -0.46 24.72 -1.62
C GLN A 526 -1.24 25.62 -0.67
N PHE A 527 -2.54 25.81 -0.91
CA PHE A 527 -3.30 26.78 -0.10
C PHE A 527 -3.55 26.38 1.35
N LEU A 528 -4.17 25.22 1.55
CA LEU A 528 -4.52 24.80 2.91
C LEU A 528 -3.29 24.72 3.86
N PRO A 529 -2.18 24.07 3.42
CA PRO A 529 -0.99 24.05 4.30
C PRO A 529 -0.51 25.47 4.65
N LYS A 530 -0.54 26.39 3.69
CA LYS A 530 -0.20 27.78 3.99
C LYS A 530 -1.19 28.40 4.99
N LEU A 531 -2.48 28.22 4.77
CA LEU A 531 -3.49 28.70 5.71
C LEU A 531 -3.23 28.17 7.12
N LEU A 532 -3.01 26.86 7.23
CA LEU A 532 -2.81 26.24 8.53
C LEU A 532 -1.53 26.69 9.23
N ASN A 533 -0.47 26.92 8.46
CA ASN A 533 0.80 27.40 9.01
C ASN A 533 0.75 28.85 9.47
N ALA A 534 -0.18 29.62 8.92
CA ALA A 534 -0.28 31.03 9.24
C ALA A 534 -1.13 31.22 10.49
N THR A 535 -2.27 30.52 10.53
CA THR A 535 -3.26 30.61 11.61
C THR A 535 -3.01 29.62 12.74
C1 NAG B . 5.21 -30.55 2.52
C2 NAG B . 5.24 -32.09 2.56
C3 NAG B . 3.99 -32.72 1.94
C4 NAG B . 2.72 -32.10 2.50
C5 NAG B . 2.82 -30.57 2.40
C6 NAG B . 1.58 -29.88 2.96
C7 NAG B . 7.45 -33.12 2.64
C8 NAG B . 8.59 -33.72 1.86
N2 NAG B . 6.42 -32.67 1.92
O3 NAG B . 3.96 -34.10 2.21
O4 NAG B . 1.63 -32.62 1.76
O5 NAG B . 3.98 -30.11 3.08
O6 NAG B . 1.67 -29.83 4.37
O7 NAG B . 7.50 -33.04 3.87
C1 FUC B . 0.77 -29.47 5.29
C2 FUC B . 0.28 -30.64 6.14
C3 FUC B . 1.31 -30.94 7.24
C4 FUC B . 1.69 -29.68 8.02
C5 FUC B . 2.03 -28.51 7.09
C6 FUC B . 2.26 -27.20 7.84
O2 FUC B . 0.03 -31.77 5.33
O3 FUC B . 0.83 -31.93 8.13
O4 FUC B . 0.63 -29.31 8.89
O5 FUC B . 1.01 -28.33 6.11
C1 NAG C . 16.31 8.39 -19.13
C2 NAG C . 15.86 9.51 -20.07
C3 NAG C . 16.57 9.40 -21.42
C4 NAG C . 18.09 9.18 -21.28
C5 NAG C . 18.35 8.04 -20.29
C6 NAG C . 19.84 7.80 -20.04
C7 NAG C . 13.55 10.30 -19.76
C8 NAG C . 12.13 10.11 -20.18
N2 NAG C . 14.43 9.48 -20.35
O3 NAG C . 16.28 10.55 -22.18
O4 NAG C . 18.61 8.86 -22.55
O5 NAG C . 17.72 8.34 -19.05
O6 NAG C . 20.36 8.77 -19.15
O7 NAG C . 13.85 11.15 -18.91
C1 NAG C . 19.66 9.76 -22.96
C2 NAG C . 20.44 9.10 -24.10
C3 NAG C . 21.53 10.03 -24.65
C4 NAG C . 20.92 11.40 -25.00
C5 NAG C . 20.10 11.96 -23.83
C6 NAG C . 19.34 13.23 -24.20
C7 NAG C . 20.44 6.64 -24.04
C8 NAG C . 21.11 5.39 -23.55
N2 NAG C . 21.01 7.81 -23.69
O3 NAG C . 22.11 9.46 -25.80
O4 NAG C . 21.96 12.28 -25.41
O5 NAG C . 19.15 11.01 -23.38
O6 NAG C . 18.45 12.93 -25.24
O7 NAG C . 19.41 6.54 -24.73
C7 GD8 D . -7.81 -1.82 0.29
C4 GD8 D . -7.68 -1.64 1.80
C6 GD8 D . -8.59 -0.53 2.28
C5 GD8 D . -8.07 -2.91 2.53
C2 GD8 D . -6.21 -1.31 2.12
C3 GD8 D . -5.24 -2.13 1.24
O2 GD8 D . -5.82 0.30 2.23
P GD8 D . -4.61 1.38 2.47
C1 GD8 D . -5.33 2.61 3.56
O1 GD8 D . -3.45 0.70 3.10
C TRS E . -21.28 4.54 10.39
C1 TRS E . -21.80 3.12 10.29
C2 TRS E . -22.42 5.57 10.47
C3 TRS E . -20.42 4.65 11.66
N TRS E . -20.49 4.83 9.18
O1 TRS E . -20.70 2.21 10.52
O2 TRS E . -23.46 5.14 11.34
O3 TRS E . -20.03 6.01 11.84
C TRS F . -15.62 -14.54 -18.75
C1 TRS F . -14.98 -15.92 -18.97
C2 TRS F . -14.57 -13.44 -18.93
C3 TRS F . -16.74 -14.31 -19.79
N TRS F . -16.14 -14.45 -17.38
O1 TRS F . -13.99 -16.19 -17.97
O2 TRS F . -14.21 -13.31 -20.31
O3 TRS F . -18.00 -14.71 -19.26
O1 PG4 G . 22.37 -27.73 -9.36
C1 PG4 G . 21.08 -27.21 -9.66
C2 PG4 G . 21.02 -26.80 -11.13
O2 PG4 G . 19.74 -26.21 -11.33
C3 PG4 G . 19.77 -25.12 -12.26
C4 PG4 G . 18.95 -25.65 -13.43
O3 PG4 G . 18.03 -24.67 -13.95
C5 PG4 G . 17.33 -25.23 -15.10
C6 PG4 G . 15.97 -25.76 -14.71
O4 PG4 G . 16.14 -27.12 -14.30
C7 PG4 G . 15.15 -27.50 -13.32
C8 PG4 G . 14.05 -28.34 -14.00
O5 PG4 G . 14.61 -29.52 -14.57
O1 PG4 H . 27.26 -26.29 -4.87
C1 PG4 H . 26.73 -27.36 -5.68
C2 PG4 H . 25.21 -27.19 -5.87
O2 PG4 H . 24.87 -25.96 -6.56
C3 PG4 H . 23.43 -25.85 -6.66
C4 PG4 H . 23.05 -24.42 -7.06
O3 PG4 H . 23.52 -23.54 -6.05
C5 PG4 H . 22.61 -22.47 -5.88
C6 PG4 H . 22.79 -21.82 -4.52
O4 PG4 H . 24.18 -21.53 -4.32
C7 PG4 H . 24.32 -20.39 -3.50
C8 PG4 H . 25.74 -20.38 -2.95
O5 PG4 H . 26.02 -21.66 -2.40
O1 PG4 I . 12.03 19.15 15.56
C1 PG4 I . 11.27 19.46 14.39
C2 PG4 I . 11.15 18.22 13.49
O2 PG4 I . 12.18 18.20 12.48
C3 PG4 I . 11.60 18.04 11.16
C4 PG4 I . 12.51 17.19 10.29
O3 PG4 I . 12.90 16.00 11.01
C5 PG4 I . 14.07 15.41 10.43
C6 PG4 I . 14.23 14.03 11.03
O4 PG4 I . 15.06 14.10 12.19
C7 PG4 I . 14.51 13.29 13.24
C8 PG4 I . 15.32 13.54 14.50
O5 PG4 I . 14.57 14.37 15.39
O1 PG4 J . -15.34 12.91 -17.63
C1 PG4 J . -15.42 11.56 -17.15
C2 PG4 J . -14.13 10.83 -17.53
O2 PG4 J . -12.99 11.56 -17.04
C3 PG4 J . -12.00 10.64 -16.58
C4 PG4 J . -10.76 11.41 -16.15
O3 PG4 J . -11.12 12.17 -15.02
C5 PG4 J . -10.07 12.21 -14.06
C6 PG4 J . -10.64 12.80 -12.79
O4 PG4 J . -11.27 14.06 -13.05
C7 PG4 J . -11.87 14.59 -11.85
C8 PG4 J . -13.40 14.60 -11.94
O5 PG4 J . -13.88 15.94 -12.11
O1 PG4 K . -12.28 1.19 16.94
C1 PG4 K . -12.17 1.86 15.69
C2 PG4 K . -11.60 0.90 14.65
O2 PG4 K . -11.53 1.58 13.40
C3 PG4 K . -11.36 0.61 12.35
C4 PG4 K . -11.43 1.37 11.04
O3 PG4 K . -10.85 0.68 9.93
C5 PG4 K . -10.61 1.58 8.83
C6 PG4 K . -11.70 1.33 7.78
O4 PG4 K . -11.22 0.84 6.52
C7 PG4 K . -11.58 -0.54 6.31
C8 PG4 K . -11.32 -0.89 4.85
O5 PG4 K . -10.81 -2.23 4.75
C1 PEG L . 10.20 -26.45 7.44
O1 PEG L . 10.18 -27.20 6.23
C2 PEG L . 8.78 -25.97 7.79
O2 PEG L . 8.00 -25.70 6.59
C3 PEG L . 6.62 -25.36 6.90
C4 PEG L . 5.72 -26.60 6.91
O4 PEG L . 4.90 -26.63 5.73
CL CL M . -20.56 7.43 -7.57
#